data_1D7U
#
_entry.id   1D7U
#
_cell.length_a   153.230
_cell.length_b   153.230
_cell.length_c   86.480
_cell.angle_alpha   90.00
_cell.angle_beta   90.00
_cell.angle_gamma   120.00
#
_symmetry.space_group_name_H-M   'P 64 2 2'
#
loop_
_entity.id
_entity.type
_entity.pdbx_description
1 polymer 'PROTEIN (2,2-DIALKYLGLYCINE DECARBOXYLASE (PYRUVATE))'
2 non-polymer 'SODIUM ION'
3 non-polymer 'POTASSIUM ION'
4 non-polymer '[5-hydroxy-6-methyl-4-({[(4E)-3-oxo-1,2-oxazolidin-4-ylidene]amino}methyl)pyridin-3-yl]methyl dihydrogen phosphate'
5 water water
#
_entity_poly.entity_id   1
_entity_poly.type   'polypeptide(L)'
_entity_poly.pdbx_seq_one_letter_code
;MSLNDDATFWRNARQHLVRYGGTFEPMIIERAKGSFVYDADGRAILDFTSGQMSAVLGHCHPEIVSVIGEYAGKLDHLFS
GMLSRPVVDLATRLANITPPGLDRALLLSTGAESNEAAIRMAKLVTGKYEIVGFAQSWHGMTGAAASATYSAGRKGVGPA
AVGSFAIPAPFTYRPRFERNGAYDYLAELDYAFDLIDRQSSGNLAAFIAEPILSSGGIIELPDGYMAALKRKCEARGMLL
ILDEAQTGVGRTGTMFACQRDGVTPDILTLSKTLGAGLPLAAIVTSAAIEERAHELGYLFYTTHVSDPLPAAVGLRVLDV
VQRDGLVARANVMGDRLRRGLLDLMERFDCIGDVRGRGLLLGVEIVKDRRTKEPADGLGAKITRECMNLGLSMNIVQLPG
MGGVFRIAPPLTVSEDEIDLGLSLLGQAIERAL
;
_entity_poly.pdbx_strand_id   A
#
# COMPACT_ATOMS: atom_id res chain seq x y z
N LEU A 3 -7.99 -0.34 -33.29
CA LEU A 3 -8.54 -1.24 -32.29
C LEU A 3 -7.60 -2.09 -31.50
N ASN A 4 -8.10 -2.38 -30.29
CA ASN A 4 -7.52 -3.13 -29.22
C ASN A 4 -7.25 -4.52 -29.68
N ASP A 5 -7.78 -4.82 -30.87
CA ASP A 5 -7.61 -6.16 -31.39
C ASP A 5 -6.38 -6.54 -32.23
N ASP A 6 -5.41 -5.64 -32.34
CA ASP A 6 -4.18 -5.92 -33.08
C ASP A 6 -3.78 -7.38 -32.83
N ALA A 7 -4.05 -8.24 -33.80
CA ALA A 7 -3.77 -9.64 -33.63
C ALA A 7 -2.32 -10.01 -33.54
N THR A 8 -1.46 -9.13 -34.03
CA THR A 8 -0.03 -9.38 -33.95
C THR A 8 0.33 -9.16 -32.48
N PHE A 9 -0.28 -8.12 -31.92
CA PHE A 9 -0.04 -7.76 -30.56
C PHE A 9 -0.37 -8.91 -29.66
N TRP A 10 -1.61 -9.34 -29.71
CA TRP A 10 -2.01 -10.41 -28.82
C TRP A 10 -1.33 -11.75 -29.05
N ARG A 11 -0.82 -11.93 -30.25
CA ARG A 11 -0.12 -13.14 -30.58
C ARG A 11 1.22 -13.11 -29.84
N ASN A 12 1.89 -11.96 -29.90
CA ASN A 12 3.16 -11.81 -29.23
C ASN A 12 3.02 -11.85 -27.70
N ALA A 13 1.93 -11.32 -27.18
CA ALA A 13 1.70 -11.33 -25.76
C ALA A 13 1.63 -12.77 -25.32
N ARG A 14 0.83 -13.51 -26.05
CA ARG A 14 0.62 -14.91 -25.75
C ARG A 14 1.88 -15.75 -25.87
N GLN A 15 2.69 -15.49 -26.89
CA GLN A 15 3.92 -16.26 -27.12
C GLN A 15 5.09 -15.88 -26.24
N HIS A 16 5.21 -14.62 -25.89
CA HIS A 16 6.39 -14.23 -25.16
C HIS A 16 6.28 -13.59 -23.79
N LEU A 17 5.11 -13.64 -23.13
CA LEU A 17 4.98 -13.08 -21.78
C LEU A 17 4.82 -14.17 -20.76
N VAL A 18 5.50 -14.01 -19.63
CA VAL A 18 5.33 -14.96 -18.54
C VAL A 18 4.08 -14.45 -17.83
N ARG A 19 3.17 -15.36 -17.47
CA ARG A 19 1.95 -14.98 -16.74
C ARG A 19 2.31 -14.93 -15.25
N TYR A 20 1.93 -13.84 -14.57
CA TYR A 20 2.35 -13.62 -13.17
C TYR A 20 1.29 -13.40 -12.09
N GLY A 21 0.06 -13.77 -12.42
CA GLY A 21 -1.01 -13.61 -11.48
C GLY A 21 -2.08 -12.82 -12.18
N GLY A 22 -3.32 -13.24 -12.02
CA GLY A 22 -4.44 -12.57 -12.63
C GLY A 22 -4.54 -12.85 -14.10
N THR A 23 -5.21 -11.93 -14.77
CA THR A 23 -5.41 -12.02 -16.20
C THR A 23 -5.08 -10.70 -16.84
N PHE A 24 -4.71 -10.71 -18.11
CA PHE A 24 -4.40 -9.46 -18.74
C PHE A 24 -5.70 -8.86 -19.24
N GLU A 25 -5.91 -7.57 -18.98
CA GLU A 25 -7.11 -6.86 -19.48
C GLU A 25 -7.00 -6.90 -20.99
N PRO A 26 -8.12 -7.14 -21.63
CA PRO A 26 -8.14 -7.25 -23.06
C PRO A 26 -8.15 -5.92 -23.80
N MET A 27 -7.21 -5.07 -23.50
CA MET A 27 -7.15 -3.85 -24.24
C MET A 27 -5.68 -3.47 -24.29
N ILE A 28 -5.34 -2.57 -25.19
CA ILE A 28 -3.98 -2.10 -25.33
C ILE A 28 -4.01 -0.65 -24.89
N ILE A 29 -3.29 -0.33 -23.82
CA ILE A 29 -3.25 1.04 -23.32
C ILE A 29 -2.19 1.80 -24.06
N GLU A 30 -2.61 2.85 -24.73
CA GLU A 30 -1.74 3.66 -25.57
C GLU A 30 -1.18 4.94 -24.96
N ARG A 31 -1.96 5.60 -24.12
CA ARG A 31 -1.52 6.83 -23.48
C ARG A 31 -2.19 6.97 -22.12
N ALA A 32 -1.68 7.88 -21.30
CA ALA A 32 -2.24 8.10 -19.99
C ALA A 32 -2.05 9.58 -19.65
N LYS A 33 -3.03 10.17 -18.97
CA LYS A 33 -2.91 11.57 -18.59
C LYS A 33 -3.87 11.90 -17.47
N GLY A 34 -3.36 12.53 -16.41
CA GLY A 34 -4.24 12.84 -15.29
C GLY A 34 -4.86 11.58 -14.69
N SER A 35 -6.16 11.61 -14.43
CA SER A 35 -6.86 10.47 -13.82
C SER A 35 -7.33 9.43 -14.84
N PHE A 36 -6.84 9.52 -16.07
CA PHE A 36 -7.27 8.60 -17.14
C PHE A 36 -6.17 7.87 -17.88
N VAL A 37 -6.54 6.67 -18.37
CA VAL A 37 -5.76 5.84 -19.28
C VAL A 37 -6.61 5.69 -20.55
N TYR A 38 -5.96 5.59 -21.71
CA TYR A 38 -6.70 5.52 -22.97
C TYR A 38 -6.35 4.27 -23.73
N ASP A 39 -7.35 3.58 -24.28
CA ASP A 39 -7.11 2.36 -25.06
C ASP A 39 -6.71 2.61 -26.51
N ALA A 40 -6.60 1.54 -27.27
CA ALA A 40 -6.20 1.68 -28.65
C ALA A 40 -7.24 2.38 -29.47
N ASP A 41 -8.52 2.28 -29.05
CA ASP A 41 -9.64 2.96 -29.74
C ASP A 41 -9.68 4.40 -29.33
N GLY A 42 -8.88 4.81 -28.36
CA GLY A 42 -8.95 6.18 -27.86
C GLY A 42 -9.92 6.39 -26.69
N ARG A 43 -10.57 5.30 -26.25
CA ARG A 43 -11.50 5.35 -25.13
C ARG A 43 -10.81 5.64 -23.80
N ALA A 44 -11.31 6.65 -23.10
CA ALA A 44 -10.76 7.04 -21.81
C ALA A 44 -11.28 6.16 -20.69
N ILE A 45 -10.35 5.65 -19.90
CA ILE A 45 -10.70 4.82 -18.78
C ILE A 45 -10.27 5.56 -17.52
N LEU A 46 -11.22 5.80 -16.64
CA LEU A 46 -10.96 6.52 -15.38
C LEU A 46 -10.19 5.61 -14.40
N ASP A 47 -8.98 6.02 -14.06
CA ASP A 47 -8.09 5.24 -13.23
C ASP A 47 -8.30 5.43 -11.72
N PHE A 48 -9.26 4.70 -11.18
CA PHE A 48 -9.60 4.76 -9.78
C PHE A 48 -8.69 3.97 -8.85
N THR A 49 -7.57 3.50 -9.36
CA THR A 49 -6.61 2.80 -8.54
C THR A 49 -5.26 3.46 -8.69
N SER A 50 -5.20 4.54 -9.45
CA SER A 50 -3.93 5.25 -9.61
C SER A 50 -2.89 4.27 -10.10
N GLY A 51 -3.31 3.42 -11.03
CA GLY A 51 -2.47 2.39 -11.60
C GLY A 51 -2.37 1.28 -10.58
N GLN A 52 -1.15 0.97 -10.15
CA GLN A 52 -1.01 -0.04 -9.12
C GLN A 52 -0.86 0.74 -7.82
N MET A 53 -1.76 1.72 -7.66
CA MET A 53 -1.83 2.63 -6.51
C MET A 53 -0.58 3.48 -6.34
N SER A 54 -0.01 3.92 -7.46
CA SER A 54 1.21 4.69 -7.37
C SER A 54 1.14 6.07 -8.01
N ALA A 55 0.25 6.26 -8.97
CA ALA A 55 0.18 7.53 -9.66
C ALA A 55 -0.46 8.61 -8.79
N VAL A 56 0.27 9.03 -7.75
CA VAL A 56 -0.24 10.02 -6.78
C VAL A 56 -0.66 11.33 -7.41
N LEU A 57 0.10 11.78 -8.40
CA LEU A 57 -0.22 13.01 -9.09
C LEU A 57 -0.90 12.69 -10.43
N GLY A 58 -1.45 11.50 -10.57
CA GLY A 58 -2.08 11.09 -11.82
C GLY A 58 -0.99 10.77 -12.81
N HIS A 59 -1.37 10.36 -14.01
CA HIS A 59 -0.41 10.04 -15.02
C HIS A 59 0.23 11.21 -15.73
N CYS A 60 1.51 11.10 -16.00
CA CYS A 60 2.24 12.10 -16.75
C CYS A 60 2.04 13.53 -16.31
N HIS A 61 2.32 13.76 -15.02
CA HIS A 61 2.22 15.08 -14.43
C HIS A 61 3.36 15.92 -14.95
N PRO A 62 3.00 17.06 -15.50
CA PRO A 62 3.92 17.99 -16.10
C PRO A 62 5.19 18.24 -15.31
N GLU A 63 5.07 18.39 -14.00
CA GLU A 63 6.24 18.65 -13.18
C GLU A 63 7.11 17.44 -13.04
N ILE A 64 6.46 16.30 -13.09
CA ILE A 64 7.18 15.06 -13.02
C ILE A 64 7.94 14.91 -14.32
N VAL A 65 7.24 15.17 -15.43
CA VAL A 65 7.81 15.06 -16.77
C VAL A 65 9.08 15.91 -16.89
N SER A 66 8.99 17.12 -16.34
CA SER A 66 10.08 18.09 -16.35
C SER A 66 11.31 17.64 -15.55
N VAL A 67 11.09 17.23 -14.30
CA VAL A 67 12.21 16.80 -13.51
C VAL A 67 12.91 15.61 -14.12
N ILE A 68 12.12 14.64 -14.62
CA ILE A 68 12.67 13.43 -15.24
C ILE A 68 13.56 13.79 -16.42
N GLY A 69 13.05 14.72 -17.23
CA GLY A 69 13.81 15.18 -18.37
C GLY A 69 15.10 15.76 -17.81
N GLU A 70 14.95 16.87 -17.07
CA GLU A 70 16.04 17.59 -16.38
C GLU A 70 17.20 16.68 -15.92
N TYR A 71 16.88 15.52 -15.37
CA TYR A 71 17.91 14.63 -14.86
C TYR A 71 18.37 13.54 -15.79
N ALA A 72 17.47 13.14 -16.68
CA ALA A 72 17.81 12.10 -17.65
C ALA A 72 19.07 12.49 -18.39
N GLY A 73 19.10 13.74 -18.80
CA GLY A 73 20.21 14.28 -19.54
C GLY A 73 21.28 14.95 -18.69
N LYS A 74 21.13 14.98 -17.36
CA LYS A 74 22.13 15.64 -16.52
C LYS A 74 22.90 14.75 -15.52
N LEU A 75 22.15 13.94 -14.76
CA LEU A 75 22.69 13.06 -13.72
C LEU A 75 21.78 11.84 -13.67
N ASP A 76 22.29 10.70 -14.09
CA ASP A 76 21.42 9.55 -14.18
C ASP A 76 21.58 8.44 -13.18
N HIS A 77 22.67 7.72 -13.28
CA HIS A 77 22.92 6.58 -12.43
C HIS A 77 24.38 6.60 -12.04
N LEU A 78 24.69 6.24 -10.79
CA LEU A 78 26.06 6.30 -10.32
C LEU A 78 26.52 5.10 -9.54
N PHE A 79 27.83 5.01 -9.38
CA PHE A 79 28.46 4.01 -8.56
C PHE A 79 27.87 4.25 -7.19
N SER A 80 27.50 3.19 -6.47
CA SER A 80 26.82 3.34 -5.19
C SER A 80 27.54 4.00 -3.99
N GLY A 81 28.81 4.33 -4.19
CA GLY A 81 29.58 4.99 -3.15
C GLY A 81 29.61 6.49 -3.40
N MET A 82 29.03 6.92 -4.51
CA MET A 82 29.06 8.32 -4.83
C MET A 82 27.78 9.06 -4.53
N LEU A 83 27.88 10.15 -3.78
CA LEU A 83 26.69 10.93 -3.47
C LEU A 83 26.47 12.07 -4.45
N SER A 84 25.24 12.56 -4.48
CA SER A 84 24.83 13.63 -5.35
C SER A 84 23.78 14.42 -4.59
N ARG A 85 23.44 15.62 -5.07
CA ARG A 85 22.46 16.49 -4.40
C ARG A 85 21.02 15.96 -4.20
N PRO A 86 20.43 15.36 -5.23
CA PRO A 86 19.07 14.85 -5.07
C PRO A 86 18.94 13.82 -3.94
N VAL A 87 19.94 12.96 -3.78
CA VAL A 87 19.93 11.94 -2.73
C VAL A 87 19.96 12.57 -1.33
N VAL A 88 20.88 13.49 -1.14
CA VAL A 88 20.98 14.18 0.13
C VAL A 88 19.76 15.07 0.34
N ASP A 89 19.31 15.77 -0.69
CA ASP A 89 18.11 16.57 -0.52
C ASP A 89 16.90 15.71 -0.13
N LEU A 90 16.68 14.62 -0.86
CA LEU A 90 15.56 13.75 -0.55
C LEU A 90 15.68 13.14 0.86
N ALA A 91 16.87 12.62 1.22
CA ALA A 91 17.02 12.08 2.57
C ALA A 91 16.71 13.18 3.62
N THR A 92 17.22 14.39 3.39
CA THR A 92 16.95 15.50 4.30
C THR A 92 15.45 15.83 4.37
N ARG A 93 14.79 15.94 3.23
CA ARG A 93 13.36 16.19 3.27
C ARG A 93 12.60 15.10 4.06
N LEU A 94 12.91 13.84 3.79
CA LEU A 94 12.23 12.76 4.51
C LEU A 94 12.38 12.90 6.03
N ALA A 95 13.55 13.34 6.50
CA ALA A 95 13.80 13.51 7.94
C ALA A 95 12.91 14.62 8.50
N ASN A 96 12.80 15.66 7.72
CA ASN A 96 12.03 16.83 8.06
C ASN A 96 10.51 16.65 8.08
N ILE A 97 9.94 15.79 7.23
CA ILE A 97 8.49 15.68 7.25
C ILE A 97 7.95 14.49 8.02
N THR A 98 8.82 13.59 8.44
CA THR A 98 8.34 12.46 9.22
C THR A 98 8.42 12.90 10.69
N PRO A 99 7.74 12.20 11.58
CA PRO A 99 7.80 12.58 12.97
C PRO A 99 9.17 12.51 13.60
N PRO A 100 9.26 13.09 14.77
CA PRO A 100 10.48 13.13 15.51
C PRO A 100 10.81 11.69 15.85
N GLY A 101 12.07 11.31 15.69
CA GLY A 101 12.45 9.95 15.99
C GLY A 101 12.80 9.19 14.72
N LEU A 102 12.57 9.82 13.57
CA LEU A 102 12.87 9.23 12.27
C LEU A 102 13.82 10.22 11.65
N ASP A 103 15.09 9.85 11.51
CA ASP A 103 16.12 10.78 11.08
C ASP A 103 16.92 10.49 9.83
N ARG A 104 17.14 9.21 9.59
CA ARG A 104 17.98 8.73 8.51
C ARG A 104 17.31 7.82 7.50
N ALA A 105 17.58 8.08 6.23
CA ALA A 105 16.97 7.36 5.15
C ALA A 105 17.90 6.59 4.22
N LEU A 106 17.33 5.53 3.66
CA LEU A 106 17.99 4.66 2.70
C LEU A 106 17.05 4.68 1.46
N LEU A 107 17.58 5.07 0.31
CA LEU A 107 16.77 5.23 -0.89
C LEU A 107 16.98 4.07 -1.83
N LEU A 108 15.91 3.30 -2.02
CA LEU A 108 15.91 2.09 -2.83
C LEU A 108 14.99 2.12 -4.05
N SER A 109 14.63 0.94 -4.53
CA SER A 109 13.85 0.85 -5.73
C SER A 109 12.46 0.29 -5.61
N THR A 110 12.24 -0.73 -4.80
CA THR A 110 10.86 -1.25 -4.73
C THR A 110 10.34 -1.45 -3.31
N GLY A 111 9.04 -1.66 -3.22
CA GLY A 111 8.39 -1.90 -1.93
C GLY A 111 8.96 -3.12 -1.20
N ALA A 112 9.04 -4.25 -1.88
CA ALA A 112 9.57 -5.43 -1.21
C ALA A 112 10.97 -5.20 -0.73
N GLU A 113 11.77 -4.52 -1.56
CA GLU A 113 13.15 -4.17 -1.26
C GLU A 113 13.25 -3.36 0.04
N SER A 114 12.39 -2.36 0.17
CA SER A 114 12.34 -1.53 1.36
C SER A 114 11.99 -2.39 2.57
N ASN A 115 11.01 -3.27 2.44
CA ASN A 115 10.70 -4.12 3.58
C ASN A 115 11.85 -5.06 3.94
N GLU A 116 12.55 -5.57 2.91
CA GLU A 116 13.71 -6.45 3.16
C GLU A 116 14.83 -5.71 3.90
N ALA A 117 15.12 -4.50 3.48
CA ALA A 117 16.19 -3.72 4.11
C ALA A 117 15.87 -3.45 5.58
N ALA A 118 14.59 -3.19 5.85
CA ALA A 118 14.12 -2.93 7.21
C ALA A 118 14.14 -4.21 8.05
N ILE A 119 13.68 -5.30 7.48
CA ILE A 119 13.70 -6.53 8.24
C ILE A 119 15.16 -6.95 8.53
N ARG A 120 16.04 -6.77 7.55
CA ARG A 120 17.43 -7.12 7.73
C ARG A 120 18.08 -6.26 8.83
N MET A 121 17.81 -4.95 8.83
CA MET A 121 18.36 -4.08 9.88
C MET A 121 17.83 -4.48 11.28
N ALA A 122 16.54 -4.82 11.39
CA ALA A 122 15.97 -5.20 12.70
C ALA A 122 16.68 -6.40 13.20
N LYS A 123 16.86 -7.37 12.30
CA LYS A 123 17.55 -8.60 12.67
C LYS A 123 18.95 -8.33 13.14
N LEU A 124 19.65 -7.48 12.42
CA LEU A 124 21.04 -7.20 12.77
C LEU A 124 21.14 -6.54 14.13
N VAL A 125 20.38 -5.49 14.26
CA VAL A 125 20.43 -4.70 15.42
C VAL A 125 19.96 -5.39 16.69
N THR A 126 19.10 -6.40 16.57
CA THR A 126 18.63 -7.14 17.77
C THR A 126 19.39 -8.43 18.00
N GLY A 127 20.10 -8.91 17.00
CA GLY A 127 20.77 -10.17 17.16
C GLY A 127 19.75 -11.30 17.13
N LYS A 128 18.53 -10.99 16.72
CA LYS A 128 17.51 -12.01 16.69
C LYS A 128 16.94 -12.23 15.31
N TYR A 129 15.97 -13.15 15.13
CA TYR A 129 15.48 -13.41 13.79
C TYR A 129 14.01 -13.71 13.58
N GLU A 130 13.20 -13.87 14.64
CA GLU A 130 11.79 -14.17 14.40
C GLU A 130 11.03 -12.90 14.05
N ILE A 131 10.19 -12.98 13.00
CA ILE A 131 9.40 -11.83 12.49
C ILE A 131 7.90 -12.09 12.60
N VAL A 132 7.15 -11.13 13.15
CA VAL A 132 5.71 -11.31 13.34
C VAL A 132 4.98 -10.30 12.47
N GLY A 133 3.94 -10.80 11.78
CA GLY A 133 3.11 -10.03 10.87
C GLY A 133 1.64 -10.35 11.10
N PHE A 134 0.76 -9.75 10.29
CA PHE A 134 -0.68 -9.97 10.36
C PHE A 134 -1.04 -11.06 9.36
N ALA A 135 -2.03 -11.86 9.71
CA ALA A 135 -2.44 -12.95 8.88
C ALA A 135 -3.06 -12.53 7.56
N GLN A 136 -3.31 -11.24 7.40
CA GLN A 136 -3.90 -10.77 6.14
C GLN A 136 -2.99 -9.76 5.49
N SER A 137 -1.70 -9.78 5.84
CA SER A 137 -0.74 -8.81 5.28
C SER A 137 -0.31 -9.02 3.82
N TRP A 138 0.36 -7.99 3.27
CA TRP A 138 0.97 -8.01 1.95
C TRP A 138 2.18 -7.08 1.98
N HIS A 139 3.37 -7.67 1.99
CA HIS A 139 4.59 -6.90 2.04
C HIS A 139 5.48 -7.05 0.82
N GLY A 140 5.16 -7.98 -0.08
CA GLY A 140 5.98 -8.15 -1.28
C GLY A 140 6.23 -9.59 -1.67
N MET A 141 6.86 -9.79 -2.83
CA MET A 141 7.13 -11.13 -3.36
C MET A 141 8.50 -11.69 -3.09
N THR A 142 9.43 -10.88 -2.60
CA THR A 142 10.78 -11.38 -2.36
C THR A 142 10.85 -12.03 -1.01
N GLY A 143 11.80 -12.97 -0.89
CA GLY A 143 12.04 -13.79 0.30
C GLY A 143 11.48 -13.38 1.69
N ALA A 144 12.17 -12.46 2.35
CA ALA A 144 11.73 -12.05 3.68
C ALA A 144 10.39 -11.38 3.62
N ALA A 145 10.22 -10.51 2.63
CA ALA A 145 8.97 -9.80 2.45
C ALA A 145 7.83 -10.79 2.23
N ALA A 146 8.09 -11.83 1.46
CA ALA A 146 7.08 -12.83 1.22
C ALA A 146 6.79 -13.69 2.46
N SER A 147 7.83 -13.93 3.25
CA SER A 147 7.70 -14.73 4.47
C SER A 147 6.76 -14.07 5.50
N ALA A 148 6.71 -12.73 5.46
CA ALA A 148 5.87 -11.92 6.33
C ALA A 148 4.50 -11.64 5.66
N THR A 149 4.28 -12.22 4.50
CA THR A 149 3.05 -12.01 3.75
C THR A 149 2.11 -13.19 3.89
N TYR A 150 0.95 -12.93 4.46
CA TYR A 150 -0.02 -14.00 4.71
C TYR A 150 -1.32 -13.89 3.96
N SER A 151 -1.58 -12.78 3.28
CA SER A 151 -2.84 -12.74 2.57
C SER A 151 -2.79 -13.69 1.37
N ALA A 152 -1.60 -14.08 0.96
CA ALA A 152 -1.49 -14.99 -0.17
C ALA A 152 -0.05 -15.42 -0.45
N GLY A 153 0.12 -16.19 -1.51
CA GLY A 153 1.43 -16.64 -1.95
C GLY A 153 2.18 -17.67 -1.09
N ARG A 154 1.63 -18.15 0.03
CA ARG A 154 2.40 -19.10 0.85
C ARG A 154 2.50 -20.57 0.39
N LYS A 155 1.65 -21.03 -0.53
CA LYS A 155 1.69 -22.45 -0.91
C LYS A 155 2.48 -22.84 -2.14
N GLY A 156 2.99 -24.07 -2.15
CA GLY A 156 3.68 -24.67 -3.29
C GLY A 156 5.05 -24.16 -3.64
N VAL A 157 5.60 -23.29 -2.78
CA VAL A 157 6.90 -22.72 -3.05
C VAL A 157 8.01 -22.96 -2.01
N GLY A 158 7.85 -24.03 -1.21
CA GLY A 158 8.83 -24.40 -0.17
C GLY A 158 8.55 -23.70 1.17
N PRO A 159 9.34 -24.04 2.20
CA PRO A 159 9.15 -23.47 3.53
C PRO A 159 9.36 -22.00 3.53
N ALA A 160 8.81 -21.35 4.51
CA ALA A 160 8.99 -19.92 4.66
C ALA A 160 10.26 -19.71 5.46
N ALA A 161 10.62 -18.46 5.64
CA ALA A 161 11.77 -18.16 6.44
C ALA A 161 11.51 -18.74 7.83
N VAL A 162 12.57 -19.25 8.44
CA VAL A 162 12.54 -19.79 9.79
C VAL A 162 12.14 -18.63 10.72
N GLY A 163 11.26 -18.89 11.67
CA GLY A 163 10.82 -17.86 12.62
C GLY A 163 9.72 -16.92 12.15
N SER A 164 8.88 -17.37 11.25
CA SER A 164 7.78 -16.54 10.79
C SER A 164 6.56 -16.88 11.61
N PHE A 165 5.86 -15.84 12.07
CA PHE A 165 4.60 -15.96 12.81
C PHE A 165 3.64 -14.92 12.32
N ALA A 166 2.36 -15.19 12.49
CA ALA A 166 1.30 -14.24 12.15
C ALA A 166 0.34 -14.17 13.32
N ILE A 167 -0.33 -13.05 13.50
CA ILE A 167 -1.39 -12.96 14.48
C ILE A 167 -2.57 -12.43 13.67
N PRO A 168 -3.77 -12.59 14.16
CA PRO A 168 -4.92 -12.08 13.42
C PRO A 168 -4.98 -10.55 13.48
N ALA A 169 -5.39 -9.90 12.39
CA ALA A 169 -5.53 -8.46 12.36
C ALA A 169 -6.91 -8.12 12.92
N PRO A 170 -7.01 -6.96 13.60
CA PRO A 170 -8.27 -6.51 14.17
C PRO A 170 -9.18 -6.10 13.01
N PHE A 171 -10.28 -6.81 12.84
CA PHE A 171 -11.22 -6.52 11.76
C PHE A 171 -12.61 -6.31 12.35
N THR A 172 -12.93 -5.05 12.56
CA THR A 172 -14.19 -4.66 13.15
C THR A 172 -15.44 -5.13 12.38
N TYR A 173 -15.39 -5.23 11.03
CA TYR A 173 -16.54 -5.68 10.23
C TYR A 173 -16.93 -7.11 10.52
N ARG A 174 -15.94 -7.99 10.68
CA ARG A 174 -16.22 -9.39 10.98
C ARG A 174 -15.42 -9.80 12.22
N PRO A 175 -15.89 -9.35 13.37
CA PRO A 175 -15.26 -9.60 14.68
C PRO A 175 -15.27 -11.05 15.08
N ARG A 176 -14.21 -11.51 15.76
CA ARG A 176 -14.18 -12.92 16.15
C ARG A 176 -13.70 -13.20 17.54
N PHE A 177 -13.42 -12.16 18.30
CA PHE A 177 -12.93 -12.31 19.66
C PHE A 177 -13.79 -11.50 20.63
N GLU A 178 -14.56 -12.14 21.51
CA GLU A 178 -15.35 -11.31 22.41
C GLU A 178 -15.07 -11.46 23.86
N ARG A 179 -15.44 -10.39 24.55
CA ARG A 179 -15.34 -10.28 25.99
C ARG A 179 -16.49 -9.45 26.43
N ASN A 180 -17.43 -10.13 27.09
CA ASN A 180 -18.62 -9.49 27.60
C ASN A 180 -19.46 -8.91 26.51
N GLY A 181 -19.81 -9.78 25.57
CA GLY A 181 -20.64 -9.39 24.46
C GLY A 181 -20.11 -8.17 23.74
N ALA A 182 -18.81 -8.12 23.58
CA ALA A 182 -18.20 -7.01 22.89
C ALA A 182 -16.94 -7.50 22.25
N TYR A 183 -16.66 -6.95 21.07
CA TYR A 183 -15.47 -7.27 20.33
C TYR A 183 -14.39 -6.52 21.00
N ASP A 184 -13.56 -7.24 21.72
CA ASP A 184 -12.47 -6.61 22.41
C ASP A 184 -11.17 -6.89 21.62
N TYR A 185 -10.88 -6.01 20.67
CA TYR A 185 -9.70 -6.17 19.84
C TYR A 185 -8.38 -6.05 20.59
N LEU A 186 -8.40 -5.41 21.76
CA LEU A 186 -7.20 -5.29 22.57
C LEU A 186 -6.97 -6.63 23.34
N ALA A 187 -8.04 -7.26 23.79
CA ALA A 187 -7.91 -8.54 24.45
C ALA A 187 -7.51 -9.55 23.40
N GLU A 188 -8.00 -9.36 22.18
CA GLU A 188 -7.61 -10.29 21.12
C GLU A 188 -6.09 -10.20 20.94
N LEU A 189 -5.61 -8.97 20.93
CA LEU A 189 -4.21 -8.70 20.79
C LEU A 189 -3.40 -9.33 21.93
N ASP A 190 -3.93 -9.25 23.15
CA ASP A 190 -3.23 -9.85 24.28
C ASP A 190 -3.16 -11.35 24.11
N TYR A 191 -4.28 -11.93 23.75
CA TYR A 191 -4.38 -13.37 23.55
C TYR A 191 -3.41 -13.84 22.43
N ALA A 192 -3.37 -13.06 21.35
CA ALA A 192 -2.49 -13.38 20.22
C ALA A 192 -1.03 -13.47 20.68
N PHE A 193 -0.58 -12.43 21.39
CA PHE A 193 0.80 -12.40 21.87
C PHE A 193 1.15 -13.49 22.86
N ASP A 194 0.18 -13.87 23.66
CA ASP A 194 0.45 -14.94 24.60
C ASP A 194 0.89 -16.19 23.86
N LEU A 195 0.19 -16.50 22.81
CA LEU A 195 0.50 -17.69 22.07
C LEU A 195 1.89 -17.55 21.40
N ILE A 196 2.18 -16.35 20.88
CA ILE A 196 3.47 -16.07 20.24
C ILE A 196 4.55 -16.36 21.26
N ASP A 197 4.36 -15.80 22.44
CA ASP A 197 5.34 -15.96 23.48
C ASP A 197 5.64 -17.40 23.73
N ARG A 198 4.63 -18.23 23.70
CA ARG A 198 4.86 -19.62 23.99
C ARG A 198 5.61 -20.33 22.88
N GLN A 199 5.42 -19.87 21.67
CA GLN A 199 6.09 -20.50 20.55
C GLN A 199 7.51 -20.02 20.29
N SER A 200 7.72 -18.74 20.47
CA SER A 200 9.04 -18.16 20.21
C SER A 200 10.19 -18.97 20.79
N SER A 201 11.31 -18.95 20.08
CA SER A 201 12.50 -19.62 20.55
C SER A 201 13.29 -18.62 21.38
N GLY A 202 12.68 -17.49 21.69
CA GLY A 202 13.36 -16.43 22.45
C GLY A 202 14.11 -15.46 21.52
N ASN A 203 13.71 -15.40 20.23
CA ASN A 203 14.39 -14.56 19.26
C ASN A 203 13.52 -13.63 18.51
N LEU A 204 12.59 -13.01 19.20
CA LEU A 204 11.68 -12.08 18.54
C LEU A 204 12.40 -10.81 18.15
N ALA A 205 12.45 -10.50 16.86
CA ALA A 205 13.15 -9.30 16.40
C ALA A 205 12.28 -8.14 16.04
N ALA A 206 11.17 -8.40 15.34
CA ALA A 206 10.33 -7.29 14.90
C ALA A 206 8.94 -7.71 14.58
N PHE A 207 8.04 -6.72 14.57
CA PHE A 207 6.66 -6.91 14.16
C PHE A 207 6.56 -6.05 12.96
N ILE A 208 6.00 -6.55 11.85
CA ILE A 208 5.86 -5.70 10.67
C ILE A 208 4.35 -5.52 10.38
N ALA A 209 3.92 -4.28 10.12
CA ALA A 209 2.50 -3.99 9.92
C ALA A 209 2.21 -2.89 8.92
N GLU A 210 1.05 -2.98 8.29
CA GLU A 210 0.55 -1.92 7.41
C GLU A 210 -0.47 -1.16 8.34
N PRO A 211 -0.51 0.17 8.30
CA PRO A 211 -1.47 0.93 9.11
C PRO A 211 -2.89 0.59 8.65
N ILE A 212 -3.06 0.43 7.35
CA ILE A 212 -4.33 0.01 6.78
C ILE A 212 -3.94 -1.13 5.83
N LEU A 213 -4.44 -2.34 6.08
CA LEU A 213 -4.09 -3.52 5.27
C LEU A 213 -4.82 -3.37 3.96
N SER A 214 -4.09 -3.10 2.89
CA SER A 214 -4.76 -2.87 1.62
C SER A 214 -5.12 -4.17 0.90
N SER A 215 -4.12 -4.98 0.60
CA SER A 215 -4.35 -6.26 -0.05
C SER A 215 -5.30 -7.14 0.79
N GLY A 216 -5.19 -7.00 2.11
CA GLY A 216 -6.01 -7.75 3.04
C GLY A 216 -7.47 -7.32 3.06
N GLY A 217 -7.82 -6.23 2.41
CA GLY A 217 -9.23 -5.84 2.36
C GLY A 217 -9.59 -4.50 2.97
N ILE A 218 -8.67 -3.53 2.91
CA ILE A 218 -8.90 -2.21 3.50
C ILE A 218 -9.38 -2.36 4.94
N ILE A 219 -8.48 -2.84 5.78
CA ILE A 219 -8.78 -3.05 7.16
C ILE A 219 -7.94 -2.06 7.92
N GLU A 220 -8.62 -1.12 8.55
CA GLU A 220 -7.99 -0.08 9.29
C GLU A 220 -7.77 -0.54 10.71
N LEU A 221 -6.57 -0.35 11.24
CA LEU A 221 -6.33 -0.73 12.63
C LEU A 221 -7.15 0.26 13.44
N PRO A 222 -7.99 -0.25 14.32
CA PRO A 222 -8.90 0.58 15.12
C PRO A 222 -8.27 1.39 16.26
N ASP A 223 -9.04 2.29 16.84
CA ASP A 223 -8.58 3.15 17.92
C ASP A 223 -7.85 2.45 19.03
N GLY A 224 -6.64 2.97 19.34
CA GLY A 224 -5.82 2.49 20.46
C GLY A 224 -4.96 1.28 20.15
N TYR A 225 -5.23 0.63 19.03
CA TYR A 225 -4.52 -0.59 18.66
C TYR A 225 -3.03 -0.42 18.48
N MET A 226 -2.66 0.50 17.60
CA MET A 226 -1.25 0.70 17.32
C MET A 226 -0.45 1.03 18.54
N ALA A 227 -1.04 1.82 19.42
CA ALA A 227 -0.35 2.19 20.63
C ALA A 227 -0.14 0.92 21.43
N ALA A 228 -1.19 0.11 21.51
CA ALA A 228 -1.13 -1.17 22.20
C ALA A 228 -0.05 -2.09 21.58
N LEU A 229 0.00 -2.14 20.25
CA LEU A 229 0.98 -2.99 19.57
C LEU A 229 2.44 -2.58 19.84
N LYS A 230 2.68 -1.28 19.77
CA LYS A 230 4.01 -0.75 20.04
C LYS A 230 4.48 -1.12 21.46
N ARG A 231 3.55 -1.14 22.41
CA ARG A 231 3.87 -1.51 23.78
C ARG A 231 4.27 -2.99 23.90
N LYS A 232 3.61 -3.85 23.13
CA LYS A 232 3.88 -5.29 23.11
C LYS A 232 5.29 -5.52 22.60
N CYS A 233 5.64 -4.73 21.60
CA CYS A 233 6.94 -4.80 20.99
C CYS A 233 7.97 -4.36 21.97
N GLU A 234 7.76 -3.18 22.54
CA GLU A 234 8.70 -2.58 23.49
C GLU A 234 8.98 -3.51 24.64
N ALA A 235 7.92 -4.09 25.16
CA ALA A 235 8.07 -4.98 26.26
C ALA A 235 8.90 -6.21 25.89
N ARG A 236 9.03 -6.51 24.61
CA ARG A 236 9.74 -7.70 24.20
C ARG A 236 11.08 -7.46 23.56
N GLY A 237 11.49 -6.19 23.50
CA GLY A 237 12.75 -5.84 22.87
C GLY A 237 12.69 -5.92 21.32
N MET A 238 11.47 -5.86 20.74
CA MET A 238 11.22 -5.94 19.30
C MET A 238 11.08 -4.59 18.63
N LEU A 239 11.54 -4.44 17.38
CA LEU A 239 11.32 -3.18 16.68
C LEU A 239 9.96 -3.26 16.01
N LEU A 240 9.36 -2.11 15.76
CA LEU A 240 8.08 -2.09 15.05
C LEU A 240 8.39 -1.48 13.70
N ILE A 241 8.09 -2.21 12.64
CA ILE A 241 8.32 -1.71 11.31
C ILE A 241 6.97 -1.40 10.71
N LEU A 242 6.79 -0.17 10.25
CA LEU A 242 5.52 0.23 9.65
C LEU A 242 5.68 0.38 8.13
N ASP A 243 4.92 -0.41 7.38
CA ASP A 243 4.99 -0.40 5.92
C ASP A 243 3.91 0.51 5.40
N GLU A 244 4.28 1.71 4.96
CA GLU A 244 3.28 2.64 4.48
C GLU A 244 3.34 2.75 2.98
N ALA A 245 3.64 1.64 2.30
CA ALA A 245 3.69 1.60 0.85
C ALA A 245 2.39 2.18 0.26
N GLN A 246 1.28 1.87 0.89
CA GLN A 246 0.03 2.36 0.35
C GLN A 246 -0.57 3.53 1.05
N THR A 247 -0.21 3.69 2.31
CA THR A 247 -0.75 4.76 3.12
C THR A 247 0.07 6.06 3.17
N GLY A 248 1.37 5.97 2.89
CA GLY A 248 2.27 7.12 2.96
C GLY A 248 2.11 8.21 1.91
N VAL A 249 2.69 9.37 2.20
CA VAL A 249 2.63 10.48 1.26
C VAL A 249 1.21 10.99 0.94
N GLY A 250 0.46 11.28 2.01
CA GLY A 250 -0.84 11.93 2.04
C GLY A 250 -2.15 11.23 1.66
N ARG A 251 -2.07 9.99 1.22
CA ARG A 251 -3.29 9.28 0.76
C ARG A 251 -4.45 9.13 1.74
N THR A 252 -4.10 8.99 3.02
CA THR A 252 -5.08 8.81 4.09
C THR A 252 -5.51 10.11 4.72
N GLY A 253 -4.98 11.24 4.25
CA GLY A 253 -5.40 12.47 4.90
C GLY A 253 -4.37 13.08 5.83
N THR A 254 -3.30 12.33 6.11
CA THR A 254 -2.19 12.83 6.87
C THR A 254 -1.02 12.48 5.98
N MET A 255 0.13 13.12 6.17
CA MET A 255 1.30 12.83 5.36
C MET A 255 1.62 11.34 5.45
N PHE A 256 1.64 10.83 6.69
CA PHE A 256 1.85 9.44 7.03
C PHE A 256 0.75 8.97 7.95
N ALA A 257 0.25 7.78 7.71
CA ALA A 257 -0.83 7.27 8.51
C ALA A 257 -0.43 7.25 9.98
N CYS A 258 0.84 6.98 10.24
CA CYS A 258 1.33 6.90 11.61
C CYS A 258 1.18 8.24 12.36
N GLN A 259 1.03 9.33 11.61
CA GLN A 259 0.82 10.64 12.25
C GLN A 259 -0.54 10.74 12.92
N ARG A 260 -1.52 10.04 12.34
CA ARG A 260 -2.89 10.03 12.87
C ARG A 260 -2.96 9.46 14.29
N ASP A 261 -2.32 8.33 14.54
CA ASP A 261 -2.33 7.71 15.86
C ASP A 261 -1.29 8.33 16.78
N GLY A 262 -0.34 9.04 16.21
CA GLY A 262 0.70 9.58 17.02
C GLY A 262 1.62 8.48 17.54
N VAL A 263 1.72 7.38 16.82
CA VAL A 263 2.63 6.33 17.25
C VAL A 263 3.75 6.24 16.21
N THR A 264 4.98 6.54 16.60
CA THR A 264 6.04 6.46 15.65
C THR A 264 6.81 5.17 15.72
N PRO A 265 6.89 4.53 14.57
CA PRO A 265 7.56 3.24 14.42
C PRO A 265 9.09 3.37 14.54
N ASP A 266 9.78 2.23 14.70
CA ASP A 266 11.25 2.23 14.76
C ASP A 266 11.79 2.36 13.36
N ILE A 267 11.10 1.72 12.41
CA ILE A 267 11.50 1.82 11.00
C ILE A 267 10.25 2.04 10.18
N LEU A 268 10.29 3.00 9.28
CA LEU A 268 9.16 3.30 8.40
C LEU A 268 9.59 2.97 6.99
N THR A 269 8.75 2.28 6.21
CA THR A 269 9.08 1.97 4.80
C THR A 269 8.04 2.59 3.89
N LEU A 270 8.54 3.16 2.80
CA LEU A 270 7.76 3.83 1.78
C LEU A 270 8.14 3.31 0.38
N SER A 271 7.26 3.53 -0.61
CA SER A 271 7.58 3.06 -1.99
C SER A 271 6.72 3.62 -3.11
N LYS A 272 5.59 2.91 -3.33
CA LYS A 272 4.58 3.19 -4.36
C LYS A 272 4.39 4.67 -4.67
N THR A 273 3.68 5.35 -3.74
CA THR A 273 3.35 6.76 -3.85
C THR A 273 4.60 7.65 -4.00
N LEU A 274 5.62 7.35 -3.23
CA LEU A 274 6.83 8.13 -3.26
C LEU A 274 7.47 8.33 -4.60
N GLY A 275 7.32 7.38 -5.51
CA GLY A 275 8.01 7.49 -6.80
C GLY A 275 7.12 7.97 -7.93
N ALA A 276 5.83 8.05 -7.62
CA ALA A 276 4.83 8.50 -8.57
C ALA A 276 4.91 7.75 -9.89
N GLY A 277 4.82 6.42 -9.80
CA GLY A 277 4.87 5.53 -10.97
C GLY A 277 6.25 4.91 -11.24
N LEU A 278 7.29 5.65 -10.90
CA LEU A 278 8.69 5.30 -11.08
C LEU A 278 9.22 4.39 -9.95
N PRO A 279 10.26 3.61 -10.18
CA PRO A 279 10.73 2.75 -9.09
C PRO A 279 11.61 3.48 -8.08
N LEU A 280 11.00 3.87 -6.98
CA LEU A 280 11.72 4.50 -5.90
C LEU A 280 11.07 4.06 -4.59
N ALA A 281 11.90 3.76 -3.60
CA ALA A 281 11.38 3.38 -2.31
C ALA A 281 12.35 3.81 -1.21
N ALA A 282 11.95 3.65 0.05
CA ALA A 282 12.82 4.02 1.13
C ALA A 282 12.46 3.45 2.48
N ILE A 283 13.44 3.49 3.37
CA ILE A 283 13.25 3.17 4.76
C ILE A 283 13.79 4.39 5.46
N VAL A 284 13.11 4.76 6.55
CA VAL A 284 13.51 5.84 7.42
C VAL A 284 13.57 5.24 8.83
N THR A 285 14.69 5.46 9.50
CA THR A 285 14.86 4.97 10.88
C THR A 285 15.46 6.07 11.78
N SER A 286 15.62 5.78 13.06
CA SER A 286 16.19 6.75 14.00
C SER A 286 17.71 6.75 13.95
N ALA A 287 18.32 7.87 14.34
CA ALA A 287 19.77 7.98 14.40
C ALA A 287 20.40 6.86 15.27
N ALA A 288 19.78 6.56 16.39
CA ALA A 288 20.28 5.51 17.28
C ALA A 288 20.34 4.16 16.60
N ILE A 289 19.24 3.77 15.94
CA ILE A 289 19.19 2.48 15.26
C ILE A 289 20.19 2.46 14.11
N GLU A 290 20.25 3.53 13.31
CA GLU A 290 21.21 3.53 12.21
C GLU A 290 22.62 3.41 12.73
N GLU A 291 22.91 4.14 13.81
CA GLU A 291 24.27 4.10 14.37
C GLU A 291 24.71 2.72 14.76
N ARG A 292 23.82 1.99 15.44
CA ARG A 292 24.10 0.62 15.86
C ARG A 292 24.26 -0.33 14.69
N ALA A 293 23.38 -0.19 13.68
CA ALA A 293 23.41 -1.02 12.47
C ALA A 293 24.77 -0.83 11.82
N HIS A 294 25.20 0.41 11.85
CA HIS A 294 26.47 0.76 11.29
C HIS A 294 27.62 0.07 12.01
N GLU A 295 27.67 0.25 13.31
CA GLU A 295 28.73 -0.38 14.11
C GLU A 295 28.77 -1.86 13.84
N LEU A 296 27.59 -2.43 13.61
CA LEU A 296 27.43 -3.87 13.42
C LEU A 296 27.71 -4.34 12.00
N GLY A 297 28.00 -3.41 11.12
CA GLY A 297 28.30 -3.77 9.75
C GLY A 297 27.12 -3.90 8.81
N TYR A 298 26.03 -3.19 9.06
CA TYR A 298 24.88 -3.26 8.16
C TYR A 298 25.25 -3.12 6.66
N LEU A 299 24.67 -4.00 5.86
CA LEU A 299 24.89 -4.03 4.42
C LEU A 299 23.59 -4.17 3.66
N PHE A 300 23.38 -3.30 2.67
CA PHE A 300 22.24 -3.33 1.77
C PHE A 300 22.67 -2.53 0.52
N TYR A 301 23.64 -3.06 -0.17
CA TYR A 301 24.26 -2.42 -1.31
C TYR A 301 23.71 -3.00 -2.60
N THR A 302 22.96 -2.19 -3.33
CA THR A 302 22.34 -2.61 -4.57
C THR A 302 22.81 -1.74 -5.72
N THR A 303 22.31 -2.04 -6.93
CA THR A 303 22.68 -1.26 -8.12
C THR A 303 22.15 0.15 -8.09
N HIS A 304 20.90 0.33 -7.69
CA HIS A 304 20.28 1.64 -7.74
C HIS A 304 20.11 2.35 -6.43
N VAL A 305 20.68 1.82 -5.38
CA VAL A 305 20.54 2.52 -4.12
C VAL A 305 21.20 3.90 -4.39
N SER A 306 20.58 4.98 -3.93
CA SER A 306 21.16 6.31 -4.10
C SER A 306 21.37 6.78 -5.52
N ASP A 307 20.55 6.33 -6.45
CA ASP A 307 20.70 6.82 -7.82
C ASP A 307 20.00 8.19 -7.89
N PRO A 308 20.65 9.16 -8.51
CA PRO A 308 20.09 10.52 -8.57
C PRO A 308 18.75 10.71 -9.29
N LEU A 309 18.59 10.12 -10.46
CA LEU A 309 17.34 10.33 -11.15
C LEU A 309 16.09 10.04 -10.33
N PRO A 310 15.92 8.81 -9.83
CA PRO A 310 14.70 8.51 -9.06
C PRO A 310 14.58 9.42 -7.85
N ALA A 311 15.70 9.68 -7.18
CA ALA A 311 15.69 10.56 -6.01
C ALA A 311 15.18 11.93 -6.38
N ALA A 312 15.62 12.43 -7.51
CA ALA A 312 15.17 13.75 -7.91
C ALA A 312 13.65 13.76 -8.16
N VAL A 313 13.10 12.63 -8.63
CA VAL A 313 11.66 12.52 -8.86
C VAL A 313 10.89 12.56 -7.55
N GLY A 314 11.41 11.80 -6.57
CA GLY A 314 10.83 11.71 -5.26
C GLY A 314 10.80 13.10 -4.61
N LEU A 315 11.88 13.86 -4.79
CA LEU A 315 11.95 15.21 -4.23
C LEU A 315 10.81 16.05 -4.80
N ARG A 316 10.67 16.04 -6.13
CA ARG A 316 9.60 16.81 -6.76
C ARG A 316 8.22 16.37 -6.31
N VAL A 317 8.00 15.08 -6.18
CA VAL A 317 6.70 14.61 -5.71
C VAL A 317 6.34 15.23 -4.34
N LEU A 318 7.32 15.26 -3.45
CA LEU A 318 7.09 15.81 -2.13
C LEU A 318 6.78 17.30 -2.21
N ASP A 319 7.51 18.00 -3.07
CA ASP A 319 7.32 19.41 -3.26
C ASP A 319 5.91 19.71 -3.72
N VAL A 320 5.48 19.02 -4.78
CA VAL A 320 4.17 19.30 -5.30
C VAL A 320 3.09 18.99 -4.27
N VAL A 321 3.21 17.86 -3.60
CA VAL A 321 2.24 17.49 -2.58
C VAL A 321 2.11 18.56 -1.50
N GLN A 322 3.24 19.07 -1.07
CA GLN A 322 3.22 20.07 -0.05
C GLN A 322 2.65 21.37 -0.60
N ARG A 323 3.24 21.88 -1.67
CA ARG A 323 2.74 23.13 -2.16
C ARG A 323 1.26 23.14 -2.51
N ASP A 324 0.79 22.17 -3.27
CA ASP A 324 -0.61 22.18 -3.61
C ASP A 324 -1.54 21.67 -2.54
N GLY A 325 -1.03 21.47 -1.33
CA GLY A 325 -1.87 20.98 -0.24
C GLY A 325 -2.65 19.73 -0.65
N LEU A 326 -1.98 18.76 -1.26
CA LEU A 326 -2.70 17.56 -1.63
C LEU A 326 -3.14 16.69 -0.46
N VAL A 327 -2.47 16.79 0.67
CA VAL A 327 -2.88 16.01 1.86
C VAL A 327 -4.31 16.43 2.31
N ALA A 328 -4.57 17.74 2.39
CA ALA A 328 -5.89 18.23 2.79
C ALA A 328 -6.87 17.84 1.72
N ARG A 329 -6.43 18.03 0.49
CA ARG A 329 -7.22 17.68 -0.67
C ARG A 329 -7.73 16.25 -0.52
N ALA A 330 -6.87 15.38 0.00
CA ALA A 330 -7.21 13.98 0.20
C ALA A 330 -8.40 13.85 1.13
N ASN A 331 -8.51 14.73 2.11
CA ASN A 331 -9.62 14.64 3.03
C ASN A 331 -10.90 15.16 2.45
N VAL A 332 -10.78 16.23 1.69
CA VAL A 332 -11.96 16.81 1.10
C VAL A 332 -12.51 15.91 0.02
N MET A 333 -11.64 15.44 -0.87
CA MET A 333 -12.11 14.56 -1.92
C MET A 333 -12.58 13.19 -1.35
N GLY A 334 -11.92 12.73 -0.29
CA GLY A 334 -12.26 11.47 0.33
C GLY A 334 -13.63 11.57 0.97
N ASP A 335 -13.91 12.74 1.50
CA ASP A 335 -15.20 12.92 2.11
C ASP A 335 -16.30 12.82 1.05
N ARG A 336 -16.08 13.52 -0.05
CA ARG A 336 -17.02 13.51 -1.14
C ARG A 336 -17.19 12.08 -1.66
N LEU A 337 -16.06 11.41 -1.90
CA LEU A 337 -16.11 10.05 -2.38
C LEU A 337 -16.83 9.14 -1.39
N ARG A 338 -16.47 9.25 -0.10
CA ARG A 338 -17.11 8.40 0.91
C ARG A 338 -18.64 8.55 1.01
N ARG A 339 -19.11 9.79 0.98
CA ARG A 339 -20.53 10.03 1.06
C ARG A 339 -21.24 9.41 -0.14
N GLY A 340 -20.62 9.51 -1.31
CA GLY A 340 -21.17 8.93 -2.53
C GLY A 340 -21.36 7.43 -2.34
N LEU A 341 -20.32 6.78 -1.83
CA LEU A 341 -20.41 5.36 -1.59
C LEU A 341 -21.47 5.03 -0.58
N LEU A 342 -21.65 5.89 0.41
CA LEU A 342 -22.69 5.64 1.38
C LEU A 342 -24.08 5.77 0.73
N ASP A 343 -24.20 6.65 -0.25
CA ASP A 343 -25.49 6.79 -0.90
C ASP A 343 -25.78 5.51 -1.71
N LEU A 344 -24.74 4.94 -2.33
CA LEU A 344 -24.92 3.71 -3.10
C LEU A 344 -25.35 2.61 -2.17
N MET A 345 -24.71 2.56 -1.03
CA MET A 345 -25.02 1.56 -0.06
C MET A 345 -26.47 1.69 0.40
N GLU A 346 -27.04 2.88 0.23
CA GLU A 346 -28.44 3.11 0.60
C GLU A 346 -29.30 2.50 -0.48
N ARG A 347 -28.88 2.75 -1.70
CA ARG A 347 -29.54 2.27 -2.88
C ARG A 347 -29.46 0.74 -3.02
N PHE A 348 -28.26 0.20 -2.83
CA PHE A 348 -28.06 -1.23 -3.04
C PHE A 348 -27.78 -2.06 -1.82
N ASP A 349 -28.49 -3.17 -1.72
CA ASP A 349 -28.34 -4.08 -0.60
C ASP A 349 -27.05 -4.88 -0.61
N CYS A 350 -26.43 -5.00 -1.79
CA CYS A 350 -25.20 -5.78 -1.94
C CYS A 350 -23.95 -5.12 -1.35
N ILE A 351 -24.06 -3.83 -1.05
CA ILE A 351 -22.96 -3.09 -0.43
C ILE A 351 -23.10 -3.28 1.06
N GLY A 352 -22.15 -4.01 1.64
CA GLY A 352 -22.23 -4.32 3.06
C GLY A 352 -21.45 -3.37 3.95
N ASP A 353 -20.37 -2.79 3.41
CA ASP A 353 -19.52 -1.90 4.19
C ASP A 353 -18.73 -0.92 3.33
N VAL A 354 -18.50 0.26 3.86
CA VAL A 354 -17.70 1.27 3.22
C VAL A 354 -16.72 1.70 4.30
N ARG A 355 -15.44 1.46 4.07
CA ARG A 355 -14.44 1.78 5.07
C ARG A 355 -13.19 2.35 4.49
N GLY A 356 -12.22 2.66 5.33
CA GLY A 356 -10.98 3.21 4.87
C GLY A 356 -10.87 4.65 5.33
N ARG A 357 -9.91 5.39 4.78
CA ARG A 357 -9.66 6.75 5.20
C ARG A 357 -9.13 7.59 4.08
N GLY A 358 -9.53 8.85 4.03
CA GLY A 358 -9.02 9.73 2.99
C GLY A 358 -9.30 9.09 1.64
N LEU A 359 -8.27 9.02 0.79
CA LEU A 359 -8.44 8.44 -0.54
C LEU A 359 -7.97 6.96 -0.71
N LEU A 360 -8.14 6.18 0.37
CA LEU A 360 -7.86 4.74 0.46
C LEU A 360 -9.13 4.17 1.08
N LEU A 361 -10.07 3.86 0.20
CA LEU A 361 -11.37 3.39 0.58
C LEU A 361 -11.64 1.96 0.09
N GLY A 362 -12.50 1.25 0.83
CA GLY A 362 -12.85 -0.10 0.49
C GLY A 362 -14.36 -0.28 0.52
N VAL A 363 -14.89 -1.05 -0.42
CA VAL A 363 -16.31 -1.33 -0.45
C VAL A 363 -16.49 -2.85 -0.49
N GLU A 364 -16.96 -3.42 0.61
CA GLU A 364 -17.14 -4.86 0.69
C GLU A 364 -18.50 -5.34 0.17
N ILE A 365 -18.47 -6.19 -0.87
CA ILE A 365 -19.69 -6.74 -1.48
C ILE A 365 -20.16 -8.01 -0.79
N VAL A 366 -21.45 -8.03 -0.49
CA VAL A 366 -22.08 -9.12 0.26
C VAL A 366 -23.42 -9.64 -0.34
N LYS A 367 -23.84 -10.84 0.01
CA LYS A 367 -25.10 -11.41 -0.48
C LYS A 367 -26.24 -10.83 0.35
N ASP A 368 -26.06 -11.00 1.65
CA ASP A 368 -27.01 -10.60 2.67
C ASP A 368 -26.35 -9.66 3.69
N ARG A 369 -26.78 -8.39 3.70
CA ARG A 369 -26.27 -7.35 4.62
C ARG A 369 -26.45 -7.72 6.10
N ARG A 370 -26.74 -8.99 6.38
CA ARG A 370 -27.01 -9.45 7.75
C ARG A 370 -26.28 -10.72 8.04
N THR A 371 -26.14 -11.52 7.00
CA THR A 371 -25.42 -12.74 7.13
C THR A 371 -24.05 -12.25 6.82
N LYS A 372 -24.03 -11.20 6.01
CA LYS A 372 -22.77 -10.64 5.60
C LYS A 372 -22.11 -11.75 4.85
N GLU A 373 -22.93 -12.48 4.10
CA GLU A 373 -22.41 -13.57 3.30
C GLU A 373 -21.78 -13.02 2.04
N PRO A 374 -20.56 -13.43 1.82
CA PRO A 374 -19.81 -12.99 0.68
C PRO A 374 -20.59 -13.15 -0.60
N ALA A 375 -20.53 -12.12 -1.43
CA ALA A 375 -21.20 -12.15 -2.70
C ALA A 375 -20.18 -12.50 -3.75
N ASP A 376 -20.09 -13.81 -3.95
CA ASP A 376 -19.21 -14.38 -4.92
C ASP A 376 -19.83 -14.03 -6.25
N GLY A 377 -19.09 -14.19 -7.33
CA GLY A 377 -19.62 -13.88 -8.64
C GLY A 377 -19.98 -12.40 -8.79
N LEU A 378 -20.85 -11.90 -7.91
CA LEU A 378 -21.27 -10.52 -8.00
C LEU A 378 -20.12 -9.56 -8.13
N GLY A 379 -19.14 -9.70 -7.25
CA GLY A 379 -17.96 -8.85 -7.24
C GLY A 379 -17.34 -8.70 -8.62
N ALA A 380 -17.15 -9.82 -9.31
CA ALA A 380 -16.56 -9.85 -10.64
C ALA A 380 -17.43 -9.36 -11.78
N LYS A 381 -18.76 -9.47 -11.67
CA LYS A 381 -19.53 -8.94 -12.79
C LYS A 381 -19.38 -7.46 -12.69
N ILE A 382 -19.50 -6.97 -11.45
CA ILE A 382 -19.44 -5.53 -11.17
C ILE A 382 -18.19 -4.94 -11.75
N THR A 383 -17.08 -5.57 -11.39
CA THR A 383 -15.76 -5.15 -11.84
C THR A 383 -15.78 -5.11 -13.38
N ARG A 384 -16.41 -6.13 -13.97
CA ARG A 384 -16.54 -6.28 -15.40
C ARG A 384 -17.37 -5.19 -16.06
N GLU A 385 -18.52 -4.86 -15.46
CA GLU A 385 -19.35 -3.82 -16.04
C GLU A 385 -18.70 -2.46 -15.83
N CYS A 386 -17.96 -2.32 -14.75
CA CYS A 386 -17.30 -1.05 -14.52
C CYS A 386 -16.45 -0.75 -15.70
N MET A 387 -15.60 -1.70 -16.04
CA MET A 387 -14.70 -1.52 -17.14
C MET A 387 -15.37 -1.16 -18.47
N ASN A 388 -16.42 -1.89 -18.81
CA ASN A 388 -17.15 -1.62 -20.05
C ASN A 388 -17.54 -0.18 -20.01
N LEU A 389 -18.05 0.21 -18.84
CA LEU A 389 -18.50 1.55 -18.57
C LEU A 389 -17.39 2.58 -18.58
N GLY A 390 -16.13 2.13 -18.56
CA GLY A 390 -14.98 3.06 -18.57
C GLY A 390 -14.35 3.37 -17.21
N LEU A 391 -14.57 2.48 -16.22
CA LEU A 391 -14.05 2.64 -14.86
C LEU A 391 -13.22 1.46 -14.37
N SER A 392 -11.94 1.72 -14.17
CA SER A 392 -10.99 0.74 -13.68
C SER A 392 -11.06 0.58 -12.20
N MET A 393 -11.47 -0.61 -11.79
CA MET A 393 -11.60 -0.99 -10.40
C MET A 393 -10.77 -2.23 -10.08
N ASN A 394 -10.57 -2.47 -8.79
CA ASN A 394 -9.79 -3.61 -8.36
C ASN A 394 -10.45 -4.25 -7.15
N ILE A 395 -10.83 -5.51 -7.30
CA ILE A 395 -11.46 -6.21 -6.20
C ILE A 395 -10.47 -7.23 -5.64
N VAL A 396 -10.44 -7.42 -4.33
CA VAL A 396 -9.56 -8.42 -3.74
C VAL A 396 -10.48 -9.39 -3.04
N GLN A 397 -10.24 -10.66 -3.24
CA GLN A 397 -11.12 -11.66 -2.67
C GLN A 397 -10.40 -12.59 -1.73
N LEU A 398 -10.64 -12.39 -0.45
CA LEU A 398 -9.99 -13.23 0.54
C LEU A 398 -10.96 -14.15 1.29
N PRO A 399 -10.38 -15.23 1.82
CA PRO A 399 -11.09 -16.26 2.59
C PRO A 399 -11.94 -15.72 3.74
N GLY A 400 -13.21 -16.11 3.79
CA GLY A 400 -14.10 -15.70 4.87
C GLY A 400 -14.72 -14.30 4.87
N MET A 401 -14.37 -13.45 3.90
CA MET A 401 -14.97 -12.12 3.85
C MET A 401 -15.45 -11.92 2.45
N GLY A 402 -16.30 -10.91 2.26
CA GLY A 402 -16.84 -10.58 0.94
C GLY A 402 -15.78 -9.88 0.09
N GLY A 403 -15.85 -10.06 -1.24
CA GLY A 403 -14.91 -9.43 -2.19
C GLY A 403 -14.84 -7.92 -1.95
N VAL A 404 -13.64 -7.37 -1.95
CA VAL A 404 -13.49 -5.96 -1.67
C VAL A 404 -12.93 -5.14 -2.79
N PHE A 405 -13.62 -4.04 -3.10
CA PHE A 405 -13.16 -3.11 -4.11
C PHE A 405 -12.22 -2.17 -3.40
N ARG A 406 -11.03 -1.98 -3.96
CA ARG A 406 -10.03 -1.09 -3.39
C ARG A 406 -10.01 0.19 -4.23
N ILE A 407 -10.52 1.26 -3.65
CA ILE A 407 -10.62 2.50 -4.38
C ILE A 407 -9.53 3.47 -3.93
N ALA A 408 -8.75 3.95 -4.87
CA ALA A 408 -7.65 4.83 -4.51
C ALA A 408 -7.24 5.68 -5.69
N PRO A 409 -8.01 6.73 -5.97
CA PRO A 409 -7.73 7.62 -7.08
C PRO A 409 -6.59 8.58 -6.74
N PRO A 410 -6.09 9.26 -7.75
CA PRO A 410 -5.02 10.21 -7.60
C PRO A 410 -5.44 11.30 -6.60
N LEU A 411 -4.47 11.93 -5.95
CA LEU A 411 -4.77 12.97 -4.99
C LEU A 411 -5.16 14.22 -5.79
N THR A 412 -4.84 14.21 -7.07
CA THR A 412 -5.14 15.31 -7.96
C THR A 412 -6.50 15.11 -8.59
N VAL A 413 -7.24 14.12 -8.12
CA VAL A 413 -8.56 13.88 -8.72
C VAL A 413 -9.50 15.08 -8.51
N SER A 414 -10.33 15.35 -9.53
CA SER A 414 -11.28 16.46 -9.49
C SER A 414 -12.66 16.06 -8.97
N GLU A 415 -13.42 17.08 -8.60
CA GLU A 415 -14.76 16.85 -8.07
C GLU A 415 -15.53 16.11 -9.11
N ASP A 416 -15.34 16.53 -10.34
CA ASP A 416 -16.04 15.92 -11.45
C ASP A 416 -15.67 14.47 -11.69
N GLU A 417 -14.39 14.18 -11.59
CA GLU A 417 -13.96 12.82 -11.81
C GLU A 417 -14.54 11.91 -10.75
N ILE A 418 -14.64 12.41 -9.53
CA ILE A 418 -15.19 11.64 -8.41
C ILE A 418 -16.65 11.29 -8.69
N ASP A 419 -17.35 12.27 -9.18
CA ASP A 419 -18.76 12.12 -9.49
C ASP A 419 -18.95 11.13 -10.65
N LEU A 420 -18.11 11.25 -11.68
CA LEU A 420 -18.14 10.33 -12.82
C LEU A 420 -17.98 8.89 -12.30
N GLY A 421 -17.01 8.70 -11.42
CA GLY A 421 -16.74 7.41 -10.84
C GLY A 421 -17.95 6.88 -10.09
N LEU A 422 -18.54 7.71 -9.25
CA LEU A 422 -19.71 7.29 -8.50
C LEU A 422 -20.82 6.88 -9.48
N SER A 423 -20.97 7.67 -10.53
CA SER A 423 -21.98 7.47 -11.57
C SER A 423 -21.81 6.12 -12.21
N LEU A 424 -20.67 5.94 -12.85
CA LEU A 424 -20.34 4.69 -13.49
C LEU A 424 -20.53 3.50 -12.54
N LEU A 425 -20.02 3.62 -11.30
CA LEU A 425 -20.13 2.53 -10.32
C LEU A 425 -21.58 2.16 -10.02
N GLY A 426 -22.45 3.16 -9.98
CA GLY A 426 -23.85 2.89 -9.72
C GLY A 426 -24.46 2.10 -10.88
N GLN A 427 -24.13 2.50 -12.11
CA GLN A 427 -24.65 1.81 -13.29
C GLN A 427 -24.14 0.39 -13.40
N ALA A 428 -22.87 0.24 -13.04
CA ALA A 428 -22.21 -1.06 -13.09
C ALA A 428 -22.94 -2.01 -12.17
N ILE A 429 -23.32 -1.52 -11.00
CA ILE A 429 -24.03 -2.35 -10.02
C ILE A 429 -25.38 -2.77 -10.48
N GLU A 430 -26.17 -1.82 -10.95
CA GLU A 430 -27.51 -2.16 -11.39
C GLU A 430 -27.51 -3.01 -12.63
N ARG A 431 -26.52 -2.83 -13.48
CA ARG A 431 -26.40 -3.64 -14.67
C ARG A 431 -25.96 -5.07 -14.29
N ALA A 432 -25.29 -5.19 -13.14
CA ALA A 432 -24.78 -6.48 -12.69
C ALA A 432 -25.72 -7.42 -11.95
N LEU A 433 -26.78 -6.92 -11.34
CA LEU A 433 -27.66 -7.82 -10.62
C LEU A 433 -28.87 -8.22 -11.43
#